data_6NJY
#
_entry.id   6NJY
#
_cell.length_a   85.541
_cell.length_b   85.541
_cell.length_c   142.587
_cell.angle_alpha   90.000
_cell.angle_beta   90.000
_cell.angle_gamma   120.000
#
_symmetry.space_group_name_H-M   'P 61'
#
loop_
_entity.id
_entity.type
_entity.pdbx_description
1 polymer 'Type IV CRISPR associated Cas6 RNA endonuclease'
2 non-polymer 'SULFATE ION'
3 non-polymer beta-D-glucopyranose
4 water water
#
_entity_poly.entity_id   1
_entity_poly.type   'polypeptide(L)'
_entity_poly.pdbx_seq_one_letter_code
;MKSSHHHHHHENLYFQSNAMTGYPYPRPQAVKIQVKGHVPYPKNALATVYDIFRDIETVNKAHEAKEAPPFAIKDFNMNG
FAITSYLALPTDTVTERLKTKGFHTVGQPIYLPQNELPPLYGLKGVTIQFRTPTAFKYNTGYVPEFYGPVFIKSITESYR
RIIPGCPEFSTSDILKYIRFTATDLQKGKYRLTEELMVTGFKGKVYLQFKLSTPPELKLLILYFLEAASICGVGMKKAWG
MGDIYITI
;
_entity_poly.pdbx_strand_id   A,B
#
loop_
_chem_comp.id
_chem_comp.type
_chem_comp.name
_chem_comp.formula
BGC D-saccharide, beta linking beta-D-glucopyranose 'C6 H12 O6'
SO4 non-polymer 'SULFATE ION' 'O4 S -2'
#
# COMPACT_ATOMS: atom_id res chain seq x y z
C GLU A 11 22.62 14.71 -23.44
N ASN A 12 23.28 13.62 -23.80
CA ASN A 12 22.57 12.40 -24.19
C ASN A 12 21.98 11.70 -22.97
N LEU A 13 21.02 10.82 -23.24
CA LEU A 13 20.39 10.00 -22.20
C LEU A 13 20.92 8.56 -22.30
N TYR A 14 21.34 8.01 -21.17
CA TYR A 14 21.64 6.58 -21.05
C TYR A 14 20.60 5.98 -20.12
N PHE A 15 19.90 4.97 -20.60
CA PHE A 15 18.81 4.37 -19.83
C PHE A 15 19.34 3.20 -19.00
N GLN A 16 18.88 3.14 -17.76
CA GLN A 16 19.30 2.10 -16.82
C GLN A 16 18.73 0.74 -17.21
N SER A 17 19.57 -0.29 -17.10
CA SER A 17 19.14 -1.66 -17.39
C SER A 17 18.85 -2.48 -16.15
N ASN A 18 19.17 -1.98 -14.95
CA ASN A 18 19.07 -2.78 -13.74
C ASN A 18 17.62 -2.90 -13.28
N ALA A 19 17.42 -3.57 -12.14
CA ALA A 19 16.09 -3.81 -11.60
C ALA A 19 15.60 -2.68 -10.70
N MET A 20 16.49 -1.78 -10.26
CA MET A 20 16.12 -0.79 -9.25
C MET A 20 15.67 0.54 -9.85
N THR A 21 16.27 0.97 -10.95
CA THR A 21 15.89 2.21 -11.61
C THR A 21 15.49 1.99 -13.06
N GLY A 22 15.52 0.74 -13.55
CA GLY A 22 15.09 0.44 -14.90
C GLY A 22 13.60 0.30 -15.09
N TYR A 23 12.82 0.29 -13.99
CA TYR A 23 11.39 0.17 -14.07
C TYR A 23 10.75 1.39 -13.43
N PRO A 24 9.59 1.81 -13.91
CA PRO A 24 8.87 2.91 -13.24
C PRO A 24 8.32 2.46 -11.89
N TYR A 25 8.14 3.43 -11.02
CA TYR A 25 7.53 3.19 -9.70
C TYR A 25 6.12 3.78 -9.66
N PRO A 26 5.32 3.38 -8.67
CA PRO A 26 3.92 3.79 -8.68
C PRO A 26 3.79 5.28 -8.38
N ARG A 27 2.81 5.90 -9.06
CA ARG A 27 2.45 7.28 -8.72
C ARG A 27 1.58 7.33 -7.46
N PRO A 28 1.88 8.22 -6.51
CA PRO A 28 1.06 8.27 -5.28
C PRO A 28 -0.37 8.67 -5.57
N GLN A 29 -1.28 8.07 -4.80
CA GLN A 29 -2.71 8.38 -4.94
C GLN A 29 -3.26 8.75 -3.59
N ALA A 30 -4.24 9.66 -3.60
CA ALA A 30 -4.84 10.06 -2.35
C ALA A 30 -6.24 10.59 -2.59
N VAL A 31 -6.92 10.88 -1.51
CA VAL A 31 -8.25 11.50 -1.55
C VAL A 31 -8.22 12.71 -0.65
N LYS A 32 -8.90 13.79 -1.06
CA LYS A 32 -9.01 15.02 -0.29
C LYS A 32 -10.47 15.37 -0.07
N ILE A 33 -10.84 15.58 1.19
CA ILE A 33 -12.22 15.85 1.59
C ILE A 33 -12.24 17.20 2.29
N GLN A 34 -13.15 18.08 1.90
CA GLN A 34 -13.25 19.43 2.46
C GLN A 34 -14.32 19.43 3.53
N VAL A 35 -14.03 20.03 4.68
CA VAL A 35 -14.87 19.96 5.87
C VAL A 35 -15.22 21.37 6.31
N LYS A 36 -16.50 21.61 6.56
CA LYS A 36 -16.98 22.89 7.04
C LYS A 36 -17.37 22.77 8.51
N GLY A 37 -16.83 23.65 9.34
CA GLY A 37 -17.13 23.62 10.76
C GLY A 37 -16.03 24.31 11.55
N HIS A 38 -16.39 24.94 12.66
CA HIS A 38 -15.43 25.73 13.42
C HIS A 38 -14.76 24.86 14.47
N VAL A 39 -13.44 24.91 14.50
CA VAL A 39 -12.65 24.29 15.57
C VAL A 39 -11.58 25.33 15.91
N PRO A 40 -11.22 25.50 17.18
CA PRO A 40 -10.29 26.61 17.49
C PRO A 40 -8.87 26.39 17.01
N TYR A 41 -8.38 25.15 16.95
CA TYR A 41 -6.98 24.88 16.66
C TYR A 41 -6.85 23.65 15.78
N PRO A 42 -5.74 23.55 15.05
CA PRO A 42 -5.46 22.29 14.32
C PRO A 42 -5.50 21.07 15.22
N LYS A 43 -5.09 21.22 16.50
CA LYS A 43 -5.17 20.11 17.45
C LYS A 43 -6.56 19.48 17.44
N ASN A 44 -7.60 20.31 17.42
CA ASN A 44 -8.98 19.83 17.43
C ASN A 44 -9.39 19.17 16.12
N ALA A 45 -8.91 19.68 14.99
CA ALA A 45 -9.20 19.02 13.71
C ALA A 45 -8.53 17.64 13.66
N LEU A 46 -7.28 17.56 14.10
CA LEU A 46 -6.60 16.28 14.12
C LEU A 46 -7.34 15.28 15.02
N ALA A 47 -7.79 15.74 16.19
CA ALA A 47 -8.48 14.86 17.12
C ALA A 47 -9.77 14.34 16.50
N THR A 48 -10.47 15.20 15.77
CA THR A 48 -11.71 14.77 15.11
C THR A 48 -11.46 13.66 14.11
N VAL A 49 -10.39 13.76 13.34
CA VAL A 49 -10.11 12.76 12.33
C VAL A 49 -9.74 11.43 12.97
N TYR A 50 -8.90 11.45 14.02
CA TYR A 50 -8.63 10.21 14.75
C TYR A 50 -9.93 9.59 15.24
N ASP A 51 -10.88 10.41 15.71
CA ASP A 51 -12.11 9.89 16.28
C ASP A 51 -12.94 9.17 15.24
N ILE A 52 -13.00 9.68 14.00
CA ILE A 52 -13.83 9.01 12.99
C ILE A 52 -13.15 7.79 12.39
N PHE A 53 -11.86 7.57 12.69
CA PHE A 53 -11.10 6.45 12.14
C PHE A 53 -10.77 5.44 13.23
N ARG A 54 -11.55 5.40 14.31
CA ARG A 54 -11.26 4.53 15.45
C ARG A 54 -11.34 3.04 15.10
N ASP A 55 -12.03 2.67 14.02
CA ASP A 55 -12.16 1.28 13.65
C ASP A 55 -11.23 0.89 12.51
N ILE A 56 -10.24 1.72 12.20
CA ILE A 56 -9.19 1.37 11.23
C ILE A 56 -7.94 1.05 12.02
N GLU A 57 -7.58 -0.24 12.06
CA GLU A 57 -6.54 -0.71 12.98
C GLU A 57 -5.21 -0.03 12.71
N THR A 58 -4.86 0.17 11.44
CA THR A 58 -3.57 0.79 11.13
C THR A 58 -3.52 2.20 11.67
N VAL A 59 -4.64 2.93 11.66
CA VAL A 59 -4.63 4.28 12.22
C VAL A 59 -4.40 4.23 13.72
N ASN A 60 -5.12 3.34 14.42
CA ASN A 60 -5.00 3.25 15.87
C ASN A 60 -3.58 2.88 16.30
N LYS A 61 -2.98 1.88 15.62
CA LYS A 61 -1.62 1.46 15.96
C LYS A 61 -0.65 2.60 15.78
N ALA A 62 -0.73 3.30 14.65
CA ALA A 62 0.14 4.45 14.41
C ALA A 62 0.00 5.48 15.52
N HIS A 63 -1.22 5.71 15.97
CA HIS A 63 -1.45 6.74 16.98
C HIS A 63 -0.86 6.34 18.32
N GLU A 64 -0.96 5.06 18.67
CA GLU A 64 -0.44 4.60 19.96
C GLU A 64 1.08 4.51 19.93
N ALA A 65 1.65 4.31 18.74
CA ALA A 65 3.09 4.34 18.56
C ALA A 65 3.62 5.73 18.25
N LYS A 66 2.75 6.74 18.28
CA LYS A 66 3.14 8.12 17.97
C LYS A 66 3.88 8.22 16.64
N GLU A 67 3.48 7.39 15.67
CA GLU A 67 3.99 7.50 14.30
C GLU A 67 3.07 8.38 13.47
N ALA A 68 3.57 8.81 12.31
CA ALA A 68 2.81 9.68 11.45
C ALA A 68 1.54 8.96 11.01
N PRO A 69 0.38 9.58 11.15
CA PRO A 69 -0.87 8.97 10.64
C PRO A 69 -0.94 9.01 9.13
N PRO A 70 -1.79 8.15 8.52
CA PRO A 70 -1.91 8.12 7.05
C PRO A 70 -2.85 9.18 6.52
N PHE A 71 -2.88 10.32 7.20
CA PHE A 71 -3.69 11.44 6.76
C PHE A 71 -3.05 12.72 7.26
N ALA A 72 -3.52 13.85 6.73
CA ALA A 72 -3.05 15.16 7.15
C ALA A 72 -4.22 16.15 7.11
N ILE A 73 -4.24 17.05 8.08
CA ILE A 73 -5.06 18.26 8.01
C ILE A 73 -4.39 19.28 7.08
N LYS A 74 -5.18 19.87 6.19
CA LYS A 74 -4.70 20.88 5.25
C LYS A 74 -5.64 22.09 5.30
N ASP A 75 -5.14 23.24 4.90
CA ASP A 75 -5.99 24.42 4.64
C ASP A 75 -6.83 24.80 5.86
N PHE A 76 -6.23 24.69 7.04
CA PHE A 76 -6.96 24.97 8.27
C PHE A 76 -7.26 26.46 8.40
N ASN A 77 -8.49 26.76 8.80
CA ASN A 77 -8.88 28.13 9.15
C ASN A 77 -10.10 28.04 10.05
N MET A 78 -10.68 29.19 10.40
CA MET A 78 -11.77 29.20 11.37
C MET A 78 -13.06 28.61 10.80
N ASN A 79 -13.21 28.58 9.48
CA ASN A 79 -14.42 28.03 8.87
C ASN A 79 -14.35 26.52 8.65
N GLY A 80 -13.17 25.92 8.65
CA GLY A 80 -13.05 24.49 8.43
C GLY A 80 -11.66 24.13 7.94
N PHE A 81 -11.56 22.99 7.26
CA PHE A 81 -10.26 22.42 6.93
C PHE A 81 -10.48 21.30 5.93
N ALA A 82 -9.39 20.86 5.35
CA ALA A 82 -9.41 19.70 4.47
C ALA A 82 -8.67 18.55 5.13
N ILE A 83 -9.05 17.34 4.75
CA ILE A 83 -8.37 16.11 5.14
C ILE A 83 -7.84 15.44 3.87
N THR A 84 -6.55 15.16 3.84
CA THR A 84 -5.99 14.36 2.76
C THR A 84 -5.57 13.04 3.36
N SER A 85 -5.77 11.95 2.63
CA SER A 85 -5.37 10.64 3.14
C SER A 85 -4.98 9.78 1.96
N TYR A 86 -4.00 8.91 2.15
CA TYR A 86 -3.71 7.90 1.14
C TYR A 86 -4.33 6.55 1.47
N LEU A 87 -5.12 6.45 2.53
CA LEU A 87 -5.92 5.25 2.74
C LEU A 87 -7.05 5.20 1.70
N ALA A 88 -7.46 3.98 1.36
CA ALA A 88 -8.58 3.77 0.45
C ALA A 88 -9.87 3.81 1.26
N LEU A 89 -10.43 5.02 1.42
CA LEU A 89 -11.51 5.29 2.37
C LEU A 89 -12.88 5.14 1.74
N PRO A 90 -13.87 4.58 2.49
CA PRO A 90 -15.27 4.69 2.06
C PRO A 90 -15.78 6.09 2.36
N THR A 91 -15.90 6.93 1.33
CA THR A 91 -16.16 8.35 1.54
C THR A 91 -17.54 8.62 2.10
N ASP A 92 -18.54 7.78 1.77
CA ASP A 92 -19.87 7.96 2.36
C ASP A 92 -19.81 7.86 3.88
N THR A 93 -19.01 6.93 4.39
CA THR A 93 -18.85 6.74 5.83
C THR A 93 -18.15 7.93 6.47
N VAL A 94 -17.17 8.50 5.78
CA VAL A 94 -16.49 9.68 6.29
C VAL A 94 -17.51 10.82 6.45
N THR A 95 -18.30 11.08 5.41
CA THR A 95 -19.31 12.13 5.51
C THR A 95 -20.28 11.85 6.65
N GLU A 96 -20.76 10.60 6.76
CA GLU A 96 -21.75 10.30 7.80
C GLU A 96 -21.16 10.44 9.19
N ARG A 97 -19.89 10.06 9.37
CA ARG A 97 -19.27 10.18 10.69
C ARG A 97 -18.97 11.63 11.05
N LEU A 98 -18.52 12.43 10.09
CA LEU A 98 -18.31 13.84 10.36
C LEU A 98 -19.62 14.57 10.69
N LYS A 99 -20.70 14.23 9.98
CA LYS A 99 -21.99 14.86 10.25
C LYS A 99 -22.45 14.59 11.67
N THR A 100 -22.22 13.37 12.16
CA THR A 100 -22.57 13.06 13.53
C THR A 100 -21.88 14.00 14.50
N LYS A 101 -20.70 14.49 14.17
CA LYS A 101 -19.91 15.34 15.04
C LYS A 101 -20.10 16.82 14.78
N GLY A 102 -21.12 17.22 14.01
CA GLY A 102 -21.38 18.61 13.73
C GLY A 102 -20.62 19.21 12.57
N PHE A 103 -20.00 18.39 11.73
CA PHE A 103 -19.26 18.89 10.58
C PHE A 103 -19.93 18.44 9.28
N HIS A 104 -19.86 19.29 8.27
CA HIS A 104 -20.45 18.99 6.96
C HIS A 104 -19.34 18.93 5.93
N THR A 105 -19.36 17.92 5.08
CA THR A 105 -18.39 17.89 3.99
C THR A 105 -18.92 18.78 2.87
N VAL A 106 -17.99 19.41 2.15
CA VAL A 106 -18.33 20.39 1.12
C VAL A 106 -17.95 19.82 -0.23
N GLY A 107 -18.84 19.92 -1.21
CA GLY A 107 -18.52 19.31 -2.49
C GLY A 107 -18.24 17.81 -2.40
N GLN A 108 -17.68 17.30 -3.47
CA GLN A 108 -17.41 15.87 -3.57
C GLN A 108 -15.94 15.62 -3.29
N PRO A 109 -15.58 14.40 -2.88
CA PRO A 109 -14.16 14.09 -2.65
C PRO A 109 -13.36 14.33 -3.90
N ILE A 110 -12.14 14.78 -3.73
CA ILE A 110 -11.19 14.96 -4.82
C ILE A 110 -10.21 13.79 -4.81
N TYR A 111 -10.04 13.13 -5.96
CA TYR A 111 -9.11 12.02 -6.08
C TYR A 111 -7.84 12.49 -6.78
N LEU A 112 -6.73 12.37 -6.11
CA LEU A 112 -5.40 12.77 -6.55
C LEU A 112 -4.65 11.55 -7.05
N PRO A 113 -3.90 11.64 -8.16
CA PRO A 113 -3.70 12.84 -8.99
C PRO A 113 -4.86 13.10 -9.91
N GLN A 114 -5.08 14.36 -10.23
CA GLN A 114 -6.19 14.73 -11.11
C GLN A 114 -5.89 14.50 -12.58
N ASN A 115 -4.66 14.74 -13.04
CA ASN A 115 -4.34 14.59 -14.45
C ASN A 115 -3.13 13.69 -14.63
N GLU A 116 -3.05 13.07 -15.80
CA GLU A 116 -1.84 12.36 -16.20
C GLU A 116 -0.71 13.35 -16.48
N LEU A 117 0.53 12.88 -16.33
CA LEU A 117 1.72 13.69 -16.59
C LEU A 117 2.18 13.50 -18.03
N PRO A 118 2.71 14.54 -18.67
CA PRO A 118 3.34 14.38 -19.97
C PRO A 118 4.72 13.77 -19.82
N PRO A 119 5.39 13.39 -20.92
CA PRO A 119 6.82 13.07 -20.82
C PRO A 119 7.61 14.24 -20.23
N LEU A 120 8.62 13.91 -19.44
CA LEU A 120 9.42 14.94 -18.77
C LEU A 120 10.74 15.21 -19.47
N TYR A 121 10.92 14.77 -20.70
CA TYR A 121 12.13 15.12 -21.45
C TYR A 121 12.18 16.64 -21.62
N GLY A 122 13.33 17.21 -21.32
CA GLY A 122 13.41 18.67 -21.38
C GLY A 122 12.79 19.46 -20.22
N LEU A 123 12.24 18.79 -19.20
CA LEU A 123 11.88 19.46 -17.95
C LEU A 123 13.15 19.91 -17.25
N LYS A 124 13.28 21.21 -16.98
CA LYS A 124 14.52 21.74 -16.41
C LYS A 124 14.56 21.71 -14.88
N GLY A 125 13.40 21.63 -14.25
CA GLY A 125 13.34 21.72 -12.80
C GLY A 125 11.90 21.81 -12.38
N VAL A 126 11.72 21.92 -11.06
CA VAL A 126 10.40 21.93 -10.43
C VAL A 126 10.39 23.03 -9.40
N THR A 127 9.29 23.78 -9.31
CA THR A 127 9.15 24.81 -8.31
C THR A 127 8.37 24.26 -7.13
N ILE A 128 8.89 24.49 -5.92
CA ILE A 128 8.22 24.06 -4.69
C ILE A 128 7.83 25.29 -3.87
N GLN A 129 6.54 25.46 -3.62
CA GLN A 129 6.06 26.57 -2.81
C GLN A 129 5.68 26.02 -1.45
N PHE A 130 6.40 26.46 -0.41
CA PHE A 130 6.04 26.13 0.97
C PHE A 130 4.96 27.12 1.41
N ARG A 131 3.73 26.64 1.48
CA ARG A 131 2.55 27.47 1.69
C ARG A 131 2.24 27.74 3.14
N THR A 132 2.57 26.81 4.05
CA THR A 132 2.42 27.01 5.49
C THR A 132 3.81 26.86 6.10
N PRO A 133 4.03 27.43 7.29
CA PRO A 133 5.37 27.38 7.87
C PRO A 133 5.82 25.94 8.00
N THR A 134 7.13 25.78 7.80
CA THR A 134 7.80 24.47 7.71
C THR A 134 9.02 24.48 8.60
N ALA A 135 9.26 23.38 9.30
CA ALA A 135 10.50 23.24 10.07
C ALA A 135 10.81 21.76 10.18
N PHE A 136 12.08 21.46 10.42
CA PHE A 136 12.54 20.10 10.64
C PHE A 136 12.93 19.89 12.08
N LYS A 137 12.57 18.73 12.63
CA LYS A 137 12.81 18.42 14.03
C LYS A 137 14.15 17.72 14.23
N TYR A 138 14.85 18.10 15.30
CA TYR A 138 16.05 17.39 15.76
C TYR A 138 16.06 17.35 17.29
N ASN A 139 16.67 16.32 17.84
CA ASN A 139 16.83 16.23 19.29
C ASN A 139 17.27 17.59 19.83
N THR A 140 16.52 18.11 20.79
CA THR A 140 16.81 19.40 21.39
C THR A 140 16.90 20.51 20.34
N GLY A 141 15.83 20.63 19.54
CA GLY A 141 15.63 21.81 18.73
C GLY A 141 15.14 21.57 17.30
N TYR A 142 13.97 22.10 16.96
CA TYR A 142 13.57 22.07 15.56
C TYR A 142 14.32 23.18 14.83
N VAL A 143 14.54 22.94 13.55
CA VAL A 143 15.33 23.82 12.68
C VAL A 143 14.41 24.38 11.60
N PRO A 144 14.02 25.68 11.71
CA PRO A 144 13.09 26.31 10.76
C PRO A 144 13.83 26.89 9.55
N GLU A 145 14.54 26.03 8.84
CA GLU A 145 15.40 26.44 7.74
C GLU A 145 15.36 25.34 6.69
N PHE A 146 15.52 25.73 5.43
CA PHE A 146 15.54 24.78 4.32
C PHE A 146 16.95 24.22 4.13
N TYR A 147 17.07 22.91 4.18
CA TYR A 147 18.30 22.21 3.84
C TYR A 147 17.93 21.19 2.75
N GLY A 148 18.64 21.23 1.65
CA GLY A 148 18.33 20.36 0.53
C GLY A 148 18.35 18.88 0.88
N PRO A 149 19.44 18.40 1.46
CA PRO A 149 19.49 16.97 1.83
C PRO A 149 18.41 16.57 2.82
N VAL A 150 18.14 17.43 3.79
CA VAL A 150 17.10 17.14 4.77
C VAL A 150 15.75 17.02 4.08
N PHE A 151 15.51 17.92 3.12
CA PHE A 151 14.24 17.91 2.39
C PHE A 151 14.12 16.66 1.52
N ILE A 152 15.21 16.24 0.85
CA ILE A 152 15.16 15.01 0.07
C ILE A 152 14.88 13.80 0.96
N LYS A 153 15.46 13.75 2.17
CA LYS A 153 15.15 12.67 3.08
C LYS A 153 13.69 12.68 3.48
N SER A 154 13.12 13.87 3.77
CA SER A 154 11.70 13.97 4.12
CA SER A 154 11.71 13.94 4.14
C SER A 154 10.79 13.46 3.01
N ILE A 155 11.04 13.89 1.78
CA ILE A 155 10.08 13.56 0.70
C ILE A 155 10.23 12.09 0.31
N THR A 156 11.45 11.54 0.41
N THR A 156 11.42 11.51 0.41
CA THR A 156 11.66 10.11 0.17
CA THR A 156 11.52 10.09 0.10
C THR A 156 10.89 9.28 1.20
C THR A 156 10.89 9.24 1.21
N GLU A 157 10.99 9.68 2.48
CA GLU A 157 10.25 8.99 3.53
C GLU A 157 8.74 9.06 3.31
N SER A 158 8.21 10.21 2.87
CA SER A 158 6.79 10.32 2.58
C SER A 158 6.39 9.41 1.41
N TYR A 159 7.21 9.33 0.38
CA TYR A 159 6.90 8.39 -0.72
C TYR A 159 6.84 6.95 -0.20
N ARG A 160 7.82 6.54 0.61
CA ARG A 160 7.86 5.18 1.12
C ARG A 160 6.70 4.87 2.06
N ARG A 161 6.13 5.88 2.77
CA ARG A 161 4.95 5.65 3.59
CA ARG A 161 4.96 5.62 3.59
C ARG A 161 3.74 5.34 2.71
N ILE A 162 3.65 6.02 1.57
CA ILE A 162 2.50 5.81 0.70
C ILE A 162 2.69 4.55 -0.10
N ILE A 163 3.91 4.30 -0.55
CA ILE A 163 4.29 3.19 -1.42
C ILE A 163 5.30 2.30 -0.70
N PRO A 164 4.84 1.40 0.14
CA PRO A 164 5.80 0.58 0.90
C PRO A 164 6.49 -0.37 -0.08
N GLY A 165 7.65 -0.81 0.31
CA GLY A 165 8.27 -1.89 -0.45
C GLY A 165 9.32 -1.40 -1.44
N CYS A 166 9.40 -0.12 -1.64
CA CYS A 166 10.48 0.45 -2.42
C CYS A 166 11.82 0.04 -1.86
N PRO A 167 12.79 -0.24 -2.72
CA PRO A 167 14.16 -0.40 -2.22
C PRO A 167 14.66 0.90 -1.61
N GLU A 168 15.74 0.77 -0.84
CA GLU A 168 16.33 1.92 -0.19
C GLU A 168 17.07 2.76 -1.22
N PHE A 169 16.56 3.95 -1.47
CA PHE A 169 17.22 4.90 -2.34
C PHE A 169 18.40 5.51 -1.56
N SER A 170 19.47 5.82 -2.27
CA SER A 170 20.56 6.57 -1.68
C SER A 170 20.28 8.07 -1.80
N THR A 171 20.10 8.75 -0.67
CA THR A 171 19.98 10.20 -0.69
C THR A 171 21.16 10.85 -1.39
N SER A 172 22.37 10.44 -1.03
CA SER A 172 23.58 11.00 -1.62
C SER A 172 23.55 10.93 -3.14
N ASP A 173 23.10 9.80 -3.68
CA ASP A 173 23.12 9.65 -5.14
C ASP A 173 22.05 10.50 -5.84
N ILE A 174 20.90 10.71 -5.21
CA ILE A 174 19.89 11.64 -5.72
C ILE A 174 20.44 13.06 -5.75
N LEU A 175 21.10 13.48 -4.68
CA LEU A 175 21.56 14.86 -4.58
C LEU A 175 22.62 15.21 -5.60
N LYS A 176 23.34 14.22 -6.13
CA LYS A 176 24.34 14.54 -7.12
C LYS A 176 23.75 15.13 -8.40
N TYR A 177 22.45 14.96 -8.63
CA TYR A 177 21.79 15.41 -9.86
C TYR A 177 20.87 16.60 -9.68
N ILE A 178 20.84 17.21 -8.52
CA ILE A 178 19.94 18.32 -8.31
C ILE A 178 20.65 19.48 -7.64
N ARG A 179 20.14 20.67 -7.92
CA ARG A 179 20.64 21.89 -7.30
C ARG A 179 19.42 22.62 -6.78
N PHE A 180 19.49 23.18 -5.57
CA PHE A 180 18.36 23.94 -5.04
C PHE A 180 18.75 25.42 -5.02
N THR A 181 17.82 26.28 -5.39
CA THR A 181 18.06 27.72 -5.26
C THR A 181 16.78 28.39 -4.76
N ALA A 182 16.93 29.55 -4.13
CA ALA A 182 15.77 30.32 -3.67
C ALA A 182 16.11 31.80 -3.76
N THR A 183 15.27 32.57 -4.45
CA THR A 183 15.43 34.02 -4.43
C THR A 183 15.37 34.53 -3.00
N ASP A 184 14.44 33.99 -2.21
CA ASP A 184 14.29 34.37 -0.81
C ASP A 184 13.24 33.45 -0.18
N LEU A 185 13.42 33.22 1.11
CA LEU A 185 12.47 32.52 1.96
C LEU A 185 12.13 33.46 3.10
N GLN A 186 10.96 33.27 3.70
CA GLN A 186 10.54 34.17 4.76
C GLN A 186 10.05 33.33 5.94
N LYS A 187 9.78 34.00 7.05
CA LYS A 187 9.30 33.28 8.22
C LYS A 187 7.79 33.39 8.34
N GLY A 188 7.18 32.42 9.00
CA GLY A 188 5.78 32.53 9.38
C GLY A 188 5.48 31.73 10.62
N LYS A 189 4.37 32.09 11.28
CA LYS A 189 3.95 31.50 12.54
C LYS A 189 2.79 30.55 12.28
N TYR A 190 2.77 29.42 12.97
CA TYR A 190 1.66 28.48 12.87
C TYR A 190 1.22 28.06 14.27
N ARG A 191 -0.03 28.32 14.62
CA ARG A 191 -0.50 28.03 15.98
C ARG A 191 -1.08 26.63 15.98
N LEU A 192 -0.47 25.74 16.76
CA LEU A 192 -0.90 24.34 16.79
C LEU A 192 -1.96 24.11 17.87
N THR A 193 -1.76 24.72 19.03
CA THR A 193 -2.64 24.53 20.19
C THR A 193 -2.73 25.86 20.93
N GLU A 194 -3.65 25.92 21.88
CA GLU A 194 -3.78 27.12 22.71
C GLU A 194 -2.41 27.60 23.19
N GLU A 195 -1.53 26.68 23.56
CA GLU A 195 -0.29 27.03 24.22
C GLU A 195 0.96 26.88 23.36
N LEU A 196 0.85 26.44 22.11
CA LEU A 196 2.02 26.13 21.29
C LEU A 196 1.88 26.78 19.92
N MET A 197 2.78 27.71 19.64
CA MET A 197 2.93 28.29 18.31
C MET A 197 4.37 28.09 17.86
N VAL A 198 4.56 27.70 16.61
CA VAL A 198 5.89 27.45 16.08
C VAL A 198 6.17 28.39 14.92
N THR A 199 7.44 28.81 14.78
CA THR A 199 7.85 29.67 13.67
C THR A 199 8.70 28.87 12.70
N GLY A 200 8.23 28.78 11.46
CA GLY A 200 8.92 28.05 10.42
C GLY A 200 9.18 28.91 9.21
N PHE A 201 9.69 28.32 8.14
CA PHE A 201 9.95 29.07 6.94
C PHE A 201 8.84 28.84 5.94
N LYS A 202 8.72 29.80 5.02
CA LYS A 202 7.76 29.75 3.92
C LYS A 202 8.40 30.34 2.68
N GLY A 203 7.82 30.06 1.52
CA GLY A 203 8.25 30.69 0.28
C GLY A 203 8.63 29.66 -0.79
N LYS A 204 9.39 30.09 -1.79
CA LYS A 204 9.60 29.31 -3.01
C LYS A 204 11.02 28.79 -3.10
N VAL A 205 11.18 27.51 -3.41
CA VAL A 205 12.47 26.91 -3.73
C VAL A 205 12.37 26.31 -5.12
N TYR A 206 13.38 26.51 -5.93
CA TYR A 206 13.48 25.88 -7.24
C TYR A 206 14.46 24.70 -7.19
N LEU A 207 13.99 23.54 -7.66
CA LEU A 207 14.78 22.32 -7.75
C LEU A 207 15.20 22.20 -9.20
N GLN A 208 16.50 22.34 -9.47
CA GLN A 208 17.01 22.32 -10.83
C GLN A 208 17.71 21.00 -11.12
N PHE A 209 17.33 20.35 -12.22
CA PHE A 209 18.01 19.12 -12.63
C PHE A 209 19.31 19.46 -13.36
N LYS A 210 20.39 18.77 -13.02
CA LYS A 210 21.61 18.89 -13.81
C LYS A 210 21.45 18.18 -15.15
N LEU A 211 22.26 18.60 -16.11
CA LEU A 211 22.15 18.02 -17.47
C LEU A 211 22.44 16.51 -17.47
N SER A 212 23.19 16.02 -16.50
CA SER A 212 23.50 14.59 -16.39
C SER A 212 22.38 13.77 -15.74
N THR A 213 21.33 14.41 -15.28
CA THR A 213 20.28 13.68 -14.58
C THR A 213 19.76 12.53 -15.42
N PRO A 214 19.84 11.29 -14.94
CA PRO A 214 19.20 10.17 -15.65
C PRO A 214 17.72 10.43 -15.81
N PRO A 215 17.17 10.10 -16.99
CA PRO A 215 15.78 10.50 -17.25
C PRO A 215 14.79 9.85 -16.29
N GLU A 216 15.07 8.63 -15.82
CA GLU A 216 14.16 7.96 -14.89
C GLU A 216 14.07 8.68 -13.55
N LEU A 217 15.09 9.44 -13.20
CA LEU A 217 15.13 10.07 -11.90
C LEU A 217 14.21 11.29 -11.84
N LYS A 218 14.02 11.99 -12.97
CA LYS A 218 13.11 13.12 -12.94
C LYS A 218 11.70 12.70 -12.53
N LEU A 219 11.18 11.67 -13.17
CA LEU A 219 9.85 11.20 -12.82
C LEU A 219 9.79 10.75 -11.36
N LEU A 220 10.80 10.02 -10.89
CA LEU A 220 10.82 9.56 -9.50
C LEU A 220 10.83 10.74 -8.53
N ILE A 221 11.62 11.75 -8.80
CA ILE A 221 11.62 12.94 -7.97
C ILE A 221 10.25 13.63 -7.97
N LEU A 222 9.61 13.77 -9.15
CA LEU A 222 8.27 14.30 -9.16
C LEU A 222 7.32 13.48 -8.27
N TYR A 223 7.41 12.17 -8.32
CA TYR A 223 6.53 11.33 -7.49
C TYR A 223 6.86 11.50 -6.00
N PHE A 224 8.14 11.71 -5.65
CA PHE A 224 8.46 12.00 -4.25
C PHE A 224 7.80 13.30 -3.82
N LEU A 225 7.83 14.31 -4.68
CA LEU A 225 7.22 15.59 -4.36
C LEU A 225 5.70 15.50 -4.29
N GLU A 226 5.08 14.68 -5.13
CA GLU A 226 3.66 14.46 -5.02
C GLU A 226 3.31 13.82 -3.69
N ALA A 227 4.13 12.89 -3.23
CA ALA A 227 3.89 12.29 -1.93
C ALA A 227 4.03 13.30 -0.82
N ALA A 228 5.02 14.16 -0.92
CA ALA A 228 5.20 15.17 0.11
C ALA A 228 4.06 16.19 0.07
N SER A 229 3.48 16.42 -1.11
CA SER A 229 2.32 17.32 -1.20
C SER A 229 1.12 16.72 -0.47
N ILE A 230 1.02 15.40 -0.48
CA ILE A 230 -0.03 14.68 0.22
C ILE A 230 0.21 14.67 1.72
N CYS A 231 1.44 14.34 2.13
CA CYS A 231 1.72 14.07 3.54
C CYS A 231 2.11 15.31 4.31
N GLY A 232 2.66 16.33 3.63
CA GLY A 232 3.32 17.44 4.26
C GLY A 232 4.80 17.18 4.46
N VAL A 233 5.52 18.25 4.76
CA VAL A 233 6.98 18.23 4.94
C VAL A 233 7.33 18.62 6.37
N GLY A 234 8.18 17.86 7.02
CA GLY A 234 8.75 18.30 8.31
C GLY A 234 7.87 18.07 9.53
N MET A 235 8.15 18.82 10.58
CA MET A 235 7.48 18.56 11.85
C MET A 235 6.01 18.96 11.77
N LYS A 236 5.18 18.22 12.50
CA LYS A 236 3.73 18.50 12.59
C LYS A 236 3.06 18.50 11.22
N LYS A 237 3.55 17.68 10.27
CA LYS A 237 2.96 17.68 8.96
C LYS A 237 1.49 17.27 9.06
N ALA A 238 1.13 16.38 9.99
CA ALA A 238 -0.26 15.96 10.04
C ALA A 238 -1.17 17.09 10.51
N TRP A 239 -0.61 18.10 11.15
CA TRP A 239 -1.33 19.24 11.70
C TRP A 239 -1.48 20.34 10.66
N GLY A 240 -0.88 20.19 9.48
CA GLY A 240 -0.92 21.21 8.46
C GLY A 240 0.33 22.03 8.24
N MET A 241 1.39 21.82 9.04
CA MET A 241 2.66 22.46 8.74
C MET A 241 3.28 21.82 7.49
N GLY A 242 4.14 22.56 6.83
CA GLY A 242 4.87 21.97 5.73
C GLY A 242 4.03 21.64 4.51
N ASP A 243 2.98 22.41 4.25
CA ASP A 243 2.12 22.16 3.10
C ASP A 243 2.78 22.76 1.86
N ILE A 244 2.95 21.98 0.80
CA ILE A 244 3.65 22.45 -0.40
C ILE A 244 2.78 22.32 -1.64
N TYR A 245 2.98 23.25 -2.59
CA TYR A 245 2.42 23.21 -3.95
C TYR A 245 3.61 22.95 -4.88
N ILE A 246 3.47 22.09 -5.87
CA ILE A 246 4.51 21.81 -6.86
C ILE A 246 4.09 22.34 -8.22
N THR A 247 5.02 22.99 -8.95
CA THR A 247 4.76 23.51 -10.30
C THR A 247 5.82 23.01 -11.26
N ILE A 248 5.41 22.51 -12.40
CA ILE A 248 6.38 22.21 -13.47
C ILE A 248 6.13 23.01 -14.75
N ASN B 12 28.30 -21.92 4.60
CA ASN B 12 28.43 -20.60 5.30
C ASN B 12 27.60 -19.50 4.65
N LEU B 13 27.24 -18.49 5.45
CA LEU B 13 26.35 -17.41 4.98
C LEU B 13 27.19 -16.25 4.47
N TYR B 14 26.82 -15.72 3.30
CA TYR B 14 27.38 -14.49 2.78
C TYR B 14 26.26 -13.46 2.66
N PHE B 15 26.36 -12.34 3.38
CA PHE B 15 25.28 -11.38 3.38
C PHE B 15 25.41 -10.35 2.27
N GLN B 16 24.27 -9.96 1.70
CA GLN B 16 24.25 -8.99 0.61
C GLN B 16 24.50 -7.58 1.13
N SER B 17 25.36 -6.84 0.41
CA SER B 17 25.60 -5.44 0.71
CA SER B 17 25.62 -5.44 0.70
C SER B 17 24.79 -4.48 -0.17
N ASN B 18 24.16 -4.97 -1.24
CA ASN B 18 23.49 -4.09 -2.20
C ASN B 18 22.11 -3.66 -1.71
N ALA B 19 21.63 -2.55 -2.29
CA ALA B 19 20.41 -1.91 -1.80
C ALA B 19 19.15 -2.73 -2.07
N MET B 20 19.16 -3.62 -3.06
CA MET B 20 17.93 -4.30 -3.43
C MET B 20 17.65 -5.57 -2.65
N THR B 21 18.70 -6.31 -2.23
CA THR B 21 18.47 -7.47 -1.38
C THR B 21 19.10 -7.35 0.00
N GLY B 22 19.79 -6.26 0.29
CA GLY B 22 20.43 -6.07 1.57
C GLY B 22 19.55 -5.51 2.66
N TYR B 23 18.29 -5.15 2.37
CA TYR B 23 17.37 -4.60 3.33
C TYR B 23 16.11 -5.46 3.35
N PRO B 24 15.50 -5.66 4.49
CA PRO B 24 14.23 -6.42 4.51
C PRO B 24 13.11 -5.66 3.84
N TYR B 25 12.15 -6.41 3.36
CA TYR B 25 10.92 -5.86 2.79
C TYR B 25 9.75 -6.05 3.76
N PRO B 26 8.66 -5.31 3.53
CA PRO B 26 7.54 -5.35 4.49
C PRO B 26 6.85 -6.70 4.53
N ARG B 27 6.42 -7.09 5.73
CA ARG B 27 5.55 -8.26 5.85
C ARG B 27 4.10 -7.93 5.46
N PRO B 28 3.44 -8.76 4.69
CA PRO B 28 2.07 -8.44 4.26
C PRO B 28 1.14 -8.44 5.47
N GLN B 29 0.17 -7.54 5.46
CA GLN B 29 -0.86 -7.44 6.50
C GLN B 29 -2.22 -7.47 5.83
N ALA B 30 -3.20 -8.04 6.56
CA ALA B 30 -4.55 -8.13 6.01
C ALA B 30 -5.51 -8.29 7.16
N VAL B 31 -6.79 -8.19 6.84
CA VAL B 31 -7.88 -8.44 7.79
C VAL B 31 -8.75 -9.54 7.18
N LYS B 32 -9.23 -10.43 8.05
CA LYS B 32 -10.18 -11.45 7.67
C LYS B 32 -11.45 -11.35 8.50
N ILE B 33 -12.57 -11.38 7.81
CA ILE B 33 -13.89 -11.24 8.43
C ILE B 33 -14.71 -12.44 8.06
N GLN B 34 -15.28 -13.12 9.03
CA GLN B 34 -16.09 -14.31 8.75
C GLN B 34 -17.56 -13.93 8.76
N VAL B 35 -18.30 -14.45 7.79
CA VAL B 35 -19.69 -14.04 7.52
C VAL B 35 -20.58 -15.28 7.54
N LYS B 36 -21.71 -15.19 8.26
CA LYS B 36 -22.70 -16.24 8.23
C LYS B 36 -23.88 -15.78 7.39
N GLY B 37 -24.29 -16.62 6.47
CA GLY B 37 -25.38 -16.30 5.58
C GLY B 37 -25.25 -17.16 4.33
N HIS B 38 -26.35 -17.76 3.91
CA HIS B 38 -26.31 -18.58 2.72
C HIS B 38 -26.38 -17.71 1.47
N VAL B 39 -25.47 -17.96 0.52
CA VAL B 39 -25.68 -17.52 -0.85
C VAL B 39 -25.40 -18.73 -1.76
N PRO B 40 -26.00 -18.80 -2.94
CA PRO B 40 -25.86 -20.04 -3.72
C PRO B 40 -24.46 -20.30 -4.25
N TYR B 41 -23.76 -19.26 -4.73
CA TYR B 41 -22.49 -19.45 -5.40
C TYR B 41 -21.46 -18.40 -4.98
N PRO B 42 -20.18 -18.72 -5.14
CA PRO B 42 -19.14 -17.70 -4.93
C PRO B 42 -19.40 -16.42 -5.70
N LYS B 43 -19.97 -16.52 -6.90
CA LYS B 43 -20.34 -15.33 -7.66
C LYS B 43 -21.15 -14.36 -6.79
N ASN B 44 -22.13 -14.89 -6.03
CA ASN B 44 -22.98 -14.01 -5.23
C ASN B 44 -22.21 -13.42 -4.06
N ALA B 45 -21.29 -14.16 -3.47
CA ALA B 45 -20.48 -13.62 -2.40
C ALA B 45 -19.63 -12.47 -2.93
N LEU B 46 -18.94 -12.71 -4.06
CA LEU B 46 -18.13 -11.65 -4.67
C LEU B 46 -18.97 -10.41 -4.95
N ALA B 47 -20.17 -10.59 -5.50
CA ALA B 47 -21.01 -9.45 -5.81
C ALA B 47 -21.36 -8.68 -4.54
N THR B 48 -21.63 -9.38 -3.45
CA THR B 48 -21.98 -8.71 -2.21
C THR B 48 -20.86 -7.79 -1.72
N VAL B 49 -19.62 -8.26 -1.83
CA VAL B 49 -18.47 -7.51 -1.34
C VAL B 49 -18.25 -6.26 -2.17
N TYR B 50 -18.32 -6.38 -3.50
CA TYR B 50 -18.27 -5.20 -4.36
C TYR B 50 -19.33 -4.17 -3.98
N ASP B 51 -20.51 -4.64 -3.63
CA ASP B 51 -21.63 -3.74 -3.31
C ASP B 51 -21.36 -2.96 -2.03
N ILE B 52 -20.77 -3.61 -1.01
CA ILE B 52 -20.54 -2.86 0.24
C ILE B 52 -19.32 -1.96 0.17
N PHE B 53 -18.50 -2.11 -0.87
CA PHE B 53 -17.34 -1.27 -1.12
C PHE B 53 -17.60 -0.25 -2.24
N ARG B 54 -18.87 0.07 -2.51
CA ARG B 54 -19.19 0.92 -3.67
C ARG B 54 -18.68 2.35 -3.54
N ASP B 55 -18.34 2.80 -2.34
CA ASP B 55 -17.82 4.16 -2.18
C ASP B 55 -16.31 4.18 -1.96
N ILE B 56 -15.61 3.09 -2.30
CA ILE B 56 -14.14 3.06 -2.26
C ILE B 56 -13.67 3.12 -3.70
N GLU B 57 -13.14 4.26 -4.11
CA GLU B 57 -12.87 4.48 -5.53
C GLU B 57 -11.88 3.46 -6.08
N THR B 58 -10.89 3.07 -5.29
CA THR B 58 -9.90 2.08 -5.73
CA THR B 58 -9.91 2.11 -5.79
C THR B 58 -10.58 0.79 -6.19
N VAL B 59 -11.52 0.30 -5.38
CA VAL B 59 -12.20 -0.94 -5.71
C VAL B 59 -13.05 -0.77 -6.96
N ASN B 60 -13.80 0.35 -7.07
CA ASN B 60 -14.65 0.57 -8.24
C ASN B 60 -13.83 0.66 -9.52
N LYS B 61 -12.74 1.44 -9.49
CA LYS B 61 -11.90 1.57 -10.68
C LYS B 61 -11.33 0.22 -11.09
N ALA B 62 -10.80 -0.54 -10.13
CA ALA B 62 -10.28 -1.86 -10.46
C ALA B 62 -11.37 -2.77 -11.02
N HIS B 63 -12.59 -2.68 -10.49
CA HIS B 63 -13.64 -3.52 -11.02
C HIS B 63 -13.94 -3.16 -12.47
N GLU B 64 -13.98 -1.84 -12.77
CA GLU B 64 -14.28 -1.41 -14.13
C GLU B 64 -13.22 -1.91 -15.12
N ALA B 65 -11.96 -1.87 -14.71
CA ALA B 65 -10.85 -2.28 -15.55
C ALA B 65 -10.63 -3.79 -15.53
N LYS B 66 -11.44 -4.53 -14.78
CA LYS B 66 -11.30 -5.99 -14.66
C LYS B 66 -9.93 -6.36 -14.09
N GLU B 67 -9.43 -5.51 -13.19
CA GLU B 67 -8.23 -5.81 -12.41
C GLU B 67 -8.61 -6.60 -11.16
N ALA B 68 -7.61 -7.28 -10.60
CA ALA B 68 -7.79 -8.07 -9.39
C ALA B 68 -8.28 -7.15 -8.27
N PRO B 69 -9.35 -7.49 -7.57
CA PRO B 69 -9.78 -6.65 -6.46
C PRO B 69 -8.88 -6.86 -5.26
N PRO B 70 -8.86 -5.91 -4.34
CA PRO B 70 -8.02 -6.05 -3.15
C PRO B 70 -8.67 -6.83 -2.02
N PHE B 71 -9.42 -7.86 -2.37
CA PHE B 71 -10.06 -8.72 -1.39
C PHE B 71 -10.27 -10.07 -2.05
N ALA B 72 -10.56 -11.07 -1.24
CA ALA B 72 -10.85 -12.39 -1.79
C ALA B 72 -11.93 -13.03 -0.93
N ILE B 73 -12.79 -13.78 -1.57
CA ILE B 73 -13.70 -14.69 -0.86
C ILE B 73 -12.90 -15.93 -0.47
N LYS B 74 -13.05 -16.39 0.76
CA LYS B 74 -12.40 -17.58 1.25
C LYS B 74 -13.44 -18.42 2.00
N ASP B 75 -13.14 -19.71 2.15
CA ASP B 75 -13.90 -20.57 3.06
C ASP B 75 -15.38 -20.60 2.70
N PHE B 76 -15.68 -20.65 1.39
CA PHE B 76 -17.08 -20.61 0.96
C PHE B 76 -17.73 -21.94 1.31
N ASN B 77 -18.90 -21.88 1.92
CA ASN B 77 -19.69 -23.07 2.18
C ASN B 77 -21.17 -22.72 2.20
N MET B 78 -21.99 -23.74 2.54
CA MET B 78 -23.44 -23.59 2.47
C MET B 78 -23.94 -22.51 3.43
N ASN B 79 -23.20 -22.24 4.50
CA ASN B 79 -23.68 -21.37 5.55
C ASN B 79 -22.91 -20.08 5.70
N GLY B 80 -21.98 -19.79 4.80
CA GLY B 80 -21.33 -18.49 4.83
C GLY B 80 -20.00 -18.52 4.07
N PHE B 81 -19.14 -17.57 4.40
CA PHE B 81 -17.85 -17.44 3.74
C PHE B 81 -17.05 -16.45 4.57
N ALA B 82 -15.81 -16.27 4.17
CA ALA B 82 -14.96 -15.27 4.77
C ALA B 82 -14.49 -14.29 3.70
N ILE B 83 -14.13 -13.10 4.14
CA ILE B 83 -13.54 -12.09 3.27
C ILE B 83 -12.17 -11.71 3.81
N THR B 84 -11.13 -11.80 2.97
CA THR B 84 -9.83 -11.29 3.37
C THR B 84 -9.57 -10.06 2.51
N SER B 85 -8.97 -9.05 3.12
CA SER B 85 -8.61 -7.87 2.34
C SER B 85 -7.33 -7.26 2.87
N TYR B 86 -6.56 -6.66 2.00
CA TYR B 86 -5.38 -5.96 2.45
C TYR B 86 -5.59 -4.47 2.46
N LEU B 87 -6.81 -4.02 2.20
CA LEU B 87 -7.15 -2.61 2.42
C LEU B 87 -7.30 -2.35 3.92
N ALA B 88 -7.00 -1.11 4.32
CA ALA B 88 -7.17 -0.66 5.71
C ALA B 88 -8.62 -0.23 5.92
N LEU B 89 -9.45 -1.18 6.34
CA LEU B 89 -10.91 -1.01 6.31
C LEU B 89 -11.45 -0.56 7.66
N PRO B 90 -12.48 0.34 7.69
CA PRO B 90 -13.21 0.60 8.95
C PRO B 90 -14.17 -0.54 9.18
N THR B 91 -13.78 -1.43 10.07
CA THR B 91 -14.46 -2.72 10.15
C THR B 91 -15.87 -2.61 10.71
N ASP B 92 -16.17 -1.54 11.47
CA ASP B 92 -17.56 -1.33 11.92
C ASP B 92 -18.49 -1.06 10.74
N THR B 93 -17.99 -0.33 9.74
CA THR B 93 -18.77 -0.05 8.55
C THR B 93 -18.99 -1.31 7.74
N VAL B 94 -17.98 -2.17 7.65
CA VAL B 94 -18.14 -3.41 6.91
C VAL B 94 -19.21 -4.27 7.56
N THR B 95 -19.17 -4.39 8.88
CA THR B 95 -20.18 -5.16 9.61
C THR B 95 -21.57 -4.60 9.42
N GLU B 96 -21.72 -3.28 9.53
CA GLU B 96 -23.05 -2.66 9.38
C GLU B 96 -23.57 -2.86 7.97
N ARG B 97 -22.71 -2.72 6.95
CA ARG B 97 -23.19 -2.91 5.58
C ARG B 97 -23.53 -4.36 5.28
N LEU B 98 -22.76 -5.30 5.81
CA LEU B 98 -23.14 -6.69 5.67
C LEU B 98 -24.46 -6.98 6.37
N LYS B 99 -24.63 -6.46 7.59
CA LYS B 99 -25.86 -6.73 8.33
C LYS B 99 -27.09 -6.21 7.59
N THR B 100 -26.94 -5.10 6.88
CA THR B 100 -28.01 -4.56 6.06
C THR B 100 -28.46 -5.55 5.00
N LYS B 101 -27.53 -6.34 4.46
CA LYS B 101 -27.86 -7.33 3.44
C LYS B 101 -28.24 -8.68 4.03
N GLY B 102 -28.33 -8.78 5.36
CA GLY B 102 -28.73 -9.99 6.03
C GLY B 102 -27.60 -10.91 6.47
N PHE B 103 -26.36 -10.46 6.35
CA PHE B 103 -25.19 -11.27 6.73
C PHE B 103 -24.72 -10.89 8.13
N HIS B 104 -24.37 -11.89 8.91
CA HIS B 104 -23.92 -11.71 10.28
C HIS B 104 -22.42 -11.97 10.36
N THR B 105 -21.66 -11.01 10.92
CA THR B 105 -20.23 -11.26 11.08
CA THR B 105 -20.23 -11.21 11.12
C THR B 105 -20.01 -12.05 12.37
N VAL B 106 -19.15 -13.04 12.28
CA VAL B 106 -18.86 -13.94 13.39
C VAL B 106 -17.67 -13.39 14.16
N GLY B 107 -17.83 -13.23 15.46
CA GLY B 107 -16.70 -12.76 16.26
C GLY B 107 -16.12 -11.43 15.80
N GLN B 108 -14.85 -11.24 16.08
CA GLN B 108 -14.16 -10.00 15.78
C GLN B 108 -13.27 -10.18 14.55
N PRO B 109 -12.93 -9.11 13.85
CA PRO B 109 -12.02 -9.28 12.70
C PRO B 109 -10.69 -9.87 13.14
N ILE B 110 -10.11 -10.71 12.31
CA ILE B 110 -8.78 -11.29 12.55
C ILE B 110 -7.76 -10.46 11.78
N TYR B 111 -6.71 -10.03 12.47
CA TYR B 111 -5.64 -9.27 11.84
C TYR B 111 -4.45 -10.19 11.57
N LEU B 112 -4.10 -10.33 10.31
CA LEU B 112 -2.98 -11.11 9.81
C LEU B 112 -1.78 -10.21 9.61
N PRO B 113 -0.58 -10.66 9.99
CA PRO B 113 -0.24 -11.94 10.60
C PRO B 113 -0.50 -11.93 12.08
N GLN B 114 -0.83 -13.10 12.63
CA GLN B 114 -1.15 -13.20 14.05
C GLN B 114 0.08 -13.21 14.93
N ASN B 115 1.19 -13.78 14.47
CA ASN B 115 2.37 -13.93 15.28
C ASN B 115 3.62 -13.43 14.56
N GLU B 116 4.61 -13.03 15.37
CA GLU B 116 5.93 -12.67 14.85
C GLU B 116 6.65 -13.94 14.38
N LEU B 117 7.59 -13.77 13.40
CA LEU B 117 8.39 -14.90 12.95
C LEU B 117 9.70 -15.00 13.73
N PRO B 118 10.23 -16.20 13.92
CA PRO B 118 11.58 -16.37 14.48
C PRO B 118 12.61 -16.24 13.38
N PRO B 119 13.90 -16.26 13.72
CA PRO B 119 14.96 -16.31 12.70
C PRO B 119 14.79 -17.57 11.87
N LEU B 120 15.07 -17.48 10.58
CA LEU B 120 14.86 -18.60 9.66
C LEU B 120 16.15 -19.33 9.33
N TYR B 121 17.24 -19.09 10.07
CA TYR B 121 18.51 -19.72 9.70
C TYR B 121 18.38 -21.25 9.69
N GLY B 122 17.66 -21.83 10.63
CA GLY B 122 17.53 -23.29 10.55
C GLY B 122 16.54 -23.87 9.54
N LEU B 123 15.82 -23.04 8.80
CA LEU B 123 14.60 -23.49 8.12
C LEU B 123 14.93 -24.23 6.83
N LYS B 124 14.50 -25.48 6.73
CA LYS B 124 14.81 -26.30 5.56
C LYS B 124 13.84 -26.11 4.40
N GLY B 125 12.63 -25.65 4.65
CA GLY B 125 11.62 -25.61 3.61
C GLY B 125 10.30 -25.20 4.22
N VAL B 126 9.26 -25.23 3.37
CA VAL B 126 7.93 -24.76 3.73
CA VAL B 126 7.92 -24.81 3.79
C VAL B 126 6.91 -25.69 3.09
N THR B 127 5.87 -26.07 3.83
CA THR B 127 4.80 -26.88 3.29
C THR B 127 3.69 -25.94 2.84
N ILE B 128 3.21 -26.18 1.63
CA ILE B 128 2.15 -25.37 0.99
C ILE B 128 0.99 -26.29 0.71
N GLN B 129 -0.14 -26.06 1.35
CA GLN B 129 -1.31 -26.90 1.14
C GLN B 129 -2.31 -26.12 0.30
N PHE B 130 -2.65 -26.66 -0.87
CA PHE B 130 -3.72 -26.12 -1.73
C PHE B 130 -5.03 -26.69 -1.22
N ARG B 131 -5.81 -25.87 -0.52
CA ARG B 131 -7.02 -26.27 0.17
C ARG B 131 -8.25 -26.20 -0.69
N THR B 132 -8.27 -25.39 -1.72
CA THR B 132 -9.31 -25.38 -2.72
C THR B 132 -8.70 -25.62 -4.11
N PRO B 133 -9.52 -26.08 -5.05
CA PRO B 133 -8.98 -26.36 -6.38
C PRO B 133 -8.31 -25.13 -6.95
N THR B 134 -7.21 -25.37 -7.68
CA THR B 134 -6.30 -24.35 -8.20
C THR B 134 -6.03 -24.63 -9.67
N ALA B 135 -5.98 -23.57 -10.47
CA ALA B 135 -5.64 -23.69 -11.88
C ALA B 135 -5.09 -22.35 -12.35
N PHE B 136 -4.26 -22.40 -13.39
CA PHE B 136 -3.67 -21.21 -13.98
C PHE B 136 -4.33 -20.99 -15.32
N LYS B 137 -4.65 -19.74 -15.63
CA LYS B 137 -5.35 -19.48 -16.88
C LYS B 137 -4.41 -19.04 -17.99
N TYR B 138 -4.73 -19.46 -19.22
CA TYR B 138 -4.07 -19.04 -20.45
C TYR B 138 -5.09 -18.87 -21.57
N ASN B 139 -4.66 -18.23 -22.66
CA ASN B 139 -5.59 -18.00 -23.77
C ASN B 139 -6.09 -19.32 -24.39
N THR B 140 -5.26 -20.36 -24.38
CA THR B 140 -5.66 -21.66 -24.94
C THR B 140 -6.34 -22.57 -23.93
N GLY B 141 -6.71 -22.05 -22.76
N GLY B 141 -6.70 -22.05 -22.75
CA GLY B 141 -7.53 -22.75 -21.80
CA GLY B 141 -7.44 -22.82 -21.76
C GLY B 141 -6.92 -22.70 -20.42
C GLY B 141 -6.74 -22.87 -20.42
N TYR B 142 -7.54 -23.42 -19.50
N TYR B 142 -7.47 -23.00 -19.31
CA TYR B 142 -7.05 -23.53 -18.14
CA TYR B 142 -6.83 -23.08 -18.01
C TYR B 142 -5.93 -24.55 -18.09
C TYR B 142 -6.12 -24.42 -17.87
N VAL B 143 -5.01 -24.39 -17.15
CA VAL B 143 -4.09 -25.47 -16.84
C VAL B 143 -4.19 -25.81 -15.35
N PRO B 144 -4.92 -26.89 -15.05
CA PRO B 144 -5.08 -27.32 -13.65
C PRO B 144 -3.94 -28.22 -13.19
N GLU B 145 -2.74 -27.67 -13.17
CA GLU B 145 -1.52 -28.41 -12.90
C GLU B 145 -0.59 -27.47 -12.17
N PHE B 146 0.20 -28.02 -11.22
CA PHE B 146 1.25 -27.27 -10.54
C PHE B 146 2.50 -27.17 -11.41
N TYR B 147 2.94 -25.95 -11.64
CA TYR B 147 4.23 -25.67 -12.23
C TYR B 147 4.97 -24.74 -11.27
N GLY B 148 6.22 -25.08 -10.95
CA GLY B 148 7.01 -24.28 -10.03
C GLY B 148 7.20 -22.83 -10.45
N PRO B 149 7.73 -22.61 -11.64
CA PRO B 149 7.91 -21.21 -12.09
C PRO B 149 6.62 -20.41 -12.17
N VAL B 150 5.54 -21.03 -12.66
CA VAL B 150 4.26 -20.34 -12.72
C VAL B 150 3.77 -19.94 -11.34
N PHE B 151 3.93 -20.84 -10.38
CA PHE B 151 3.57 -20.55 -9.01
C PHE B 151 4.42 -19.41 -8.44
N ILE B 152 5.73 -19.41 -8.68
CA ILE B 152 6.55 -18.32 -8.18
C ILE B 152 6.12 -16.99 -8.80
N LYS B 153 5.83 -16.96 -10.10
CA LYS B 153 5.34 -15.71 -10.70
CA LYS B 153 5.34 -15.71 -10.70
C LYS B 153 4.05 -15.27 -10.04
N SER B 154 3.14 -16.22 -9.77
CA SER B 154 1.88 -15.88 -9.11
C SER B 154 2.10 -15.25 -7.74
N ILE B 155 2.96 -15.84 -6.91
CA ILE B 155 3.09 -15.37 -5.53
C ILE B 155 3.84 -14.04 -5.49
N THR B 156 4.78 -13.84 -6.42
N THR B 156 4.78 -13.82 -6.42
CA THR B 156 5.49 -12.56 -6.50
CA THR B 156 5.48 -12.52 -6.43
C THR B 156 4.52 -11.45 -6.89
C THR B 156 4.53 -11.41 -6.90
N GLU B 157 3.65 -11.71 -7.87
CA GLU B 157 2.65 -10.73 -8.25
C GLU B 157 1.71 -10.41 -7.12
N SER B 158 1.27 -11.43 -6.34
CA SER B 158 0.44 -11.16 -5.17
C SER B 158 1.15 -10.24 -4.18
N TYR B 159 2.42 -10.49 -3.91
CA TYR B 159 3.15 -9.66 -2.96
C TYR B 159 3.22 -8.23 -3.46
N ARG B 160 3.50 -8.05 -4.75
CA ARG B 160 3.55 -6.70 -5.32
C ARG B 160 2.18 -5.98 -5.32
N ARG B 161 1.07 -6.73 -5.33
N ARG B 161 1.08 -6.72 -5.37
CA ARG B 161 -0.23 -6.09 -5.25
CA ARG B 161 -0.23 -6.07 -5.23
C ARG B 161 -0.52 -5.57 -3.85
C ARG B 161 -0.37 -5.48 -3.82
N ILE B 162 -0.01 -6.28 -2.82
CA ILE B 162 -0.16 -5.83 -1.44
C ILE B 162 0.85 -4.76 -1.10
N ILE B 163 2.09 -4.91 -1.57
CA ILE B 163 3.24 -4.06 -1.28
C ILE B 163 3.71 -3.44 -2.60
N PRO B 164 3.14 -2.29 -2.99
N PRO B 164 3.10 -2.33 -3.06
CA PRO B 164 3.26 -1.84 -4.39
CA PRO B 164 3.29 -1.92 -4.47
C PRO B 164 4.67 -1.40 -4.83
C PRO B 164 4.69 -1.43 -4.84
N GLY B 165 5.51 -1.00 -3.93
CA GLY B 165 6.80 -0.52 -4.44
C GLY B 165 7.85 -1.59 -4.72
N CYS B 166 7.53 -2.83 -4.49
CA CYS B 166 8.46 -3.96 -4.53
C CYS B 166 9.11 -4.03 -5.89
N PRO B 167 10.45 -3.98 -5.97
CA PRO B 167 11.11 -3.95 -7.28
C PRO B 167 10.89 -5.26 -8.02
N GLU B 168 11.26 -5.21 -9.30
CA GLU B 168 11.04 -6.36 -10.16
C GLU B 168 12.09 -7.41 -9.83
N PHE B 169 11.68 -8.46 -9.15
CA PHE B 169 12.60 -9.55 -8.90
C PHE B 169 12.67 -10.48 -10.10
N SER B 170 13.81 -11.11 -10.29
CA SER B 170 13.96 -12.11 -11.32
C SER B 170 13.38 -13.44 -10.84
N THR B 171 12.35 -13.93 -11.53
CA THR B 171 11.82 -15.26 -11.24
C THR B 171 12.91 -16.32 -11.39
N SER B 172 13.63 -16.28 -12.50
CA SER B 172 14.65 -17.29 -12.77
C SER B 172 15.71 -17.31 -11.68
N ASP B 173 16.07 -16.13 -11.16
CA ASP B 173 17.05 -16.08 -10.09
C ASP B 173 16.52 -16.73 -8.82
N ILE B 174 15.24 -16.48 -8.51
CA ILE B 174 14.63 -17.09 -7.33
C ILE B 174 14.63 -18.60 -7.48
N LEU B 175 14.28 -19.08 -8.66
CA LEU B 175 14.10 -20.52 -8.85
C LEU B 175 15.38 -21.29 -8.73
N LYS B 176 16.54 -20.63 -8.91
CA LYS B 176 17.80 -21.31 -8.76
C LYS B 176 17.99 -21.90 -7.36
N TYR B 177 17.26 -21.38 -6.37
CA TYR B 177 17.53 -21.72 -4.97
C TYR B 177 16.47 -22.58 -4.30
N ILE B 178 15.47 -23.02 -5.03
CA ILE B 178 14.38 -23.79 -4.43
C ILE B 178 14.06 -25.01 -5.27
N ARG B 179 13.51 -26.02 -4.61
CA ARG B 179 13.07 -27.26 -5.27
C ARG B 179 11.65 -27.50 -4.78
N PHE B 180 10.75 -27.92 -5.69
CA PHE B 180 9.41 -28.27 -5.28
C PHE B 180 9.19 -29.77 -5.45
N THR B 181 8.48 -30.35 -4.51
CA THR B 181 8.12 -31.76 -4.62
C THR B 181 6.74 -31.96 -4.07
N ALA B 182 6.15 -33.10 -4.43
CA ALA B 182 4.90 -33.55 -3.84
C ALA B 182 4.86 -35.07 -3.81
N THR B 183 4.27 -35.63 -2.75
CA THR B 183 4.00 -37.06 -2.74
C THR B 183 3.00 -37.44 -3.84
N ASP B 184 1.96 -36.63 -3.99
CA ASP B 184 0.88 -36.79 -4.94
C ASP B 184 0.03 -35.52 -4.87
N LEU B 185 -0.65 -35.22 -5.97
CA LEU B 185 -1.66 -34.16 -5.97
C LEU B 185 -2.98 -34.75 -6.45
N GLN B 186 -4.09 -34.12 -6.05
CA GLN B 186 -5.42 -34.64 -6.27
C GLN B 186 -6.20 -33.64 -7.12
N LYS B 187 -7.31 -34.08 -7.70
CA LYS B 187 -8.16 -33.13 -8.40
C LYS B 187 -9.35 -32.78 -7.52
N GLY B 188 -9.94 -31.63 -7.80
CA GLY B 188 -11.14 -31.20 -7.10
C GLY B 188 -11.96 -30.27 -7.99
N LYS B 189 -13.25 -30.21 -7.74
CA LYS B 189 -14.12 -29.35 -8.54
C LYS B 189 -14.56 -28.16 -7.70
N TYR B 190 -14.68 -26.99 -8.35
CA TYR B 190 -15.11 -25.77 -7.64
C TYR B 190 -16.17 -25.10 -8.51
N ARG B 191 -17.41 -25.04 -8.00
CA ARG B 191 -18.48 -24.43 -8.76
C ARG B 191 -18.48 -22.93 -8.51
N LEU B 192 -18.37 -22.16 -9.56
CA LEU B 192 -18.25 -20.73 -9.52
C LEU B 192 -19.60 -20.08 -9.70
N THR B 193 -20.41 -20.63 -10.61
CA THR B 193 -21.74 -20.10 -10.92
C THR B 193 -22.64 -21.28 -11.27
N GLU B 194 -23.91 -20.99 -11.57
CA GLU B 194 -24.83 -22.08 -11.89
C GLU B 194 -24.46 -22.73 -13.20
N GLU B 195 -23.66 -22.06 -14.02
CA GLU B 195 -23.30 -22.59 -15.31
C GLU B 195 -21.81 -22.87 -15.47
N LEU B 196 -20.98 -22.61 -14.46
CA LEU B 196 -19.54 -22.81 -14.63
C LEU B 196 -18.96 -23.50 -13.40
N MET B 197 -18.43 -24.71 -13.62
CA MET B 197 -17.66 -25.41 -12.60
C MET B 197 -16.31 -25.72 -13.24
N VAL B 198 -15.25 -25.56 -12.48
CA VAL B 198 -13.89 -25.79 -12.97
C VAL B 198 -13.22 -26.88 -12.15
N THR B 199 -12.39 -27.66 -12.80
CA THR B 199 -11.66 -28.72 -12.10
C THR B 199 -10.21 -28.28 -11.99
N GLY B 200 -9.70 -28.24 -10.77
CA GLY B 200 -8.34 -27.82 -10.49
C GLY B 200 -7.63 -28.85 -9.65
N PHE B 201 -6.36 -28.55 -9.32
CA PHE B 201 -5.62 -29.46 -8.45
C PHE B 201 -5.69 -29.01 -6.98
N LYS B 202 -5.45 -29.97 -6.09
CA LYS B 202 -5.42 -29.74 -4.64
C LYS B 202 -4.35 -30.64 -4.05
N GLY B 203 -3.88 -30.31 -2.84
CA GLY B 203 -2.95 -31.16 -2.16
C GLY B 203 -1.76 -30.39 -1.62
N LYS B 204 -0.70 -31.14 -1.27
CA LYS B 204 0.42 -30.58 -0.52
C LYS B 204 1.67 -30.60 -1.39
N VAL B 205 2.32 -29.45 -1.48
CA VAL B 205 3.61 -29.29 -2.13
C VAL B 205 4.62 -28.85 -1.09
N TYR B 206 5.83 -29.38 -1.16
CA TYR B 206 6.91 -28.98 -0.28
C TYR B 206 7.91 -28.12 -1.04
N LEU B 207 8.22 -26.97 -0.50
CA LEU B 207 9.23 -26.07 -1.07
C LEU B 207 10.50 -26.20 -0.23
N GLN B 208 11.56 -26.70 -0.84
CA GLN B 208 12.81 -26.96 -0.13
C GLN B 208 13.81 -25.88 -0.54
N PHE B 209 14.46 -25.26 0.45
CA PHE B 209 15.54 -24.32 0.16
C PHE B 209 16.83 -25.11 -0.10
N LYS B 210 17.52 -24.78 -1.19
CA LYS B 210 18.85 -25.34 -1.38
C LYS B 210 19.82 -24.74 -0.38
N LEU B 211 20.94 -25.42 -0.17
CA LEU B 211 21.91 -24.94 0.82
C LEU B 211 22.56 -23.63 0.40
N SER B 212 22.61 -23.35 -0.91
CA SER B 212 23.14 -22.08 -1.42
C SER B 212 22.18 -20.91 -1.27
N THR B 213 20.98 -21.12 -0.80
CA THR B 213 20.00 -20.05 -0.69
C THR B 213 20.54 -18.87 0.10
N PRO B 214 20.57 -17.66 -0.46
CA PRO B 214 20.98 -16.49 0.36
C PRO B 214 20.01 -16.29 1.52
N PRO B 215 20.53 -15.97 2.71
CA PRO B 215 19.64 -15.85 3.89
C PRO B 215 18.47 -14.90 3.67
N GLU B 216 18.73 -13.77 3.01
CA GLU B 216 17.69 -12.76 2.83
C GLU B 216 16.51 -13.32 2.04
N LEU B 217 16.76 -14.31 1.21
CA LEU B 217 15.72 -14.81 0.31
C LEU B 217 14.72 -15.71 1.00
N LYS B 218 15.11 -16.44 2.05
CA LYS B 218 14.14 -17.26 2.77
C LYS B 218 13.00 -16.41 3.33
N LEU B 219 13.34 -15.31 3.99
CA LEU B 219 12.29 -14.44 4.52
C LEU B 219 11.43 -13.85 3.40
N LEU B 220 12.06 -13.40 2.30
CA LEU B 220 11.27 -12.86 1.19
C LEU B 220 10.30 -13.89 0.63
N ILE B 221 10.77 -15.12 0.45
CA ILE B 221 9.88 -16.17 -0.05
C ILE B 221 8.74 -16.41 0.91
N LEU B 222 9.03 -16.46 2.21
CA LEU B 222 7.92 -16.62 3.16
C LEU B 222 6.92 -15.48 3.00
N TYR B 223 7.40 -14.26 2.83
CA TYR B 223 6.48 -13.14 2.67
C TYR B 223 5.63 -13.28 1.42
N PHE B 224 6.24 -13.74 0.31
CA PHE B 224 5.51 -13.98 -0.92
C PHE B 224 4.39 -14.97 -0.67
N LEU B 225 4.70 -16.06 0.06
CA LEU B 225 3.69 -17.07 0.34
C LEU B 225 2.60 -16.54 1.26
N GLU B 226 2.94 -15.68 2.22
CA GLU B 226 1.92 -15.04 3.03
C GLU B 226 1.01 -14.16 2.18
N ALA B 227 1.58 -13.45 1.20
CA ALA B 227 0.73 -12.65 0.32
C ALA B 227 -0.20 -13.53 -0.50
N ALA B 228 0.32 -14.68 -0.94
CA ALA B 228 -0.48 -15.60 -1.75
C ALA B 228 -1.56 -16.24 -0.91
N SER B 229 -1.30 -16.46 0.38
CA SER B 229 -2.33 -16.98 1.27
C SER B 229 -3.46 -15.97 1.44
N ILE B 230 -3.15 -14.69 1.38
CA ILE B 230 -4.15 -13.63 1.49
C ILE B 230 -4.93 -13.49 0.19
N CYS B 231 -4.23 -13.46 -0.96
CA CYS B 231 -4.86 -13.13 -2.23
C CYS B 231 -5.46 -14.35 -2.93
N GLY B 232 -4.93 -15.54 -2.68
CA GLY B 232 -5.17 -16.70 -3.52
C GLY B 232 -4.14 -16.87 -4.64
N VAL B 233 -4.16 -18.05 -5.25
CA VAL B 233 -3.24 -18.43 -6.33
C VAL B 233 -4.03 -18.79 -7.58
N GLY B 234 -3.64 -18.23 -8.73
CA GLY B 234 -4.16 -18.67 -10.02
C GLY B 234 -5.54 -18.08 -10.36
N MET B 235 -6.23 -18.74 -11.27
CA MET B 235 -7.47 -18.20 -11.79
C MET B 235 -8.56 -18.13 -10.72
N LYS B 236 -9.40 -17.09 -10.83
CA LYS B 236 -10.56 -16.92 -9.96
C LYS B 236 -10.14 -16.88 -8.50
N LYS B 237 -8.97 -16.33 -8.20
CA LYS B 237 -8.53 -16.28 -6.82
C LYS B 237 -9.46 -15.47 -5.94
N ALA B 238 -10.07 -14.44 -6.49
CA ALA B 238 -10.98 -13.64 -5.65
C ALA B 238 -12.28 -14.39 -5.33
N TRP B 239 -12.60 -15.45 -6.08
CA TRP B 239 -13.77 -16.28 -5.89
C TRP B 239 -13.53 -17.43 -4.93
N GLY B 240 -12.30 -17.59 -4.44
CA GLY B 240 -11.97 -18.64 -3.50
C GLY B 240 -11.16 -19.79 -4.06
N MET B 241 -10.88 -19.82 -5.37
CA MET B 241 -10.01 -20.86 -5.86
C MET B 241 -8.57 -20.56 -5.44
N GLY B 242 -7.75 -21.62 -5.39
CA GLY B 242 -6.34 -21.45 -5.10
C GLY B 242 -6.06 -20.92 -3.74
N ASP B 243 -6.84 -21.32 -2.74
CA ASP B 243 -6.56 -20.93 -1.36
C ASP B 243 -5.44 -21.83 -0.84
N ILE B 244 -4.42 -21.24 -0.25
CA ILE B 244 -3.31 -22.03 0.26
C ILE B 244 -3.11 -21.74 1.73
N TYR B 245 -2.56 -22.73 2.44
CA TYR B 245 -2.23 -22.69 3.85
C TYR B 245 -0.77 -23.08 3.97
N ILE B 246 0.01 -22.23 4.64
CA ILE B 246 1.46 -22.34 4.74
C ILE B 246 1.83 -22.86 6.12
N THR B 247 2.74 -23.84 6.18
CA THR B 247 3.33 -24.31 7.43
C THR B 247 4.85 -24.35 7.37
N ILE B 248 5.50 -23.89 8.43
CA ILE B 248 6.94 -24.03 8.56
C ILE B 248 7.31 -24.81 9.85
S SO4 C . 24.71 21.39 -15.22
O1 SO4 C . 25.33 22.46 -16.00
O2 SO4 C . 25.14 21.50 -13.83
O3 SO4 C . 25.11 20.07 -15.72
O4 SO4 C . 23.26 21.54 -15.34
S SO4 D . 22.84 7.15 1.82
O1 SO4 D . 23.45 8.26 1.09
O2 SO4 D . 23.28 7.10 3.22
O3 SO4 D . 23.28 5.91 1.16
O4 SO4 D . 21.38 7.31 1.80
S SO4 E . 27.51 22.04 -8.93
O1 SO4 E . 28.90 22.44 -8.73
O2 SO4 E . 26.71 23.22 -9.25
O3 SO4 E . 27.44 21.09 -10.04
O4 SO4 E . 26.98 21.43 -7.71
S SO4 F . 6.03 15.95 15.20
O1 SO4 F . 6.53 17.20 15.75
O2 SO4 F . 6.11 15.97 13.74
O3 SO4 F . 4.64 15.74 15.62
O4 SO4 F . 6.86 14.85 15.69
S SO4 G . 10.38 14.67 8.19
O1 SO4 G . 11.40 15.71 8.29
O2 SO4 G . 9.37 15.06 7.19
O3 SO4 G . 11.01 13.42 7.78
O4 SO4 G . 9.75 14.50 9.49
S SO4 H . 2.32 34.64 9.37
O1 SO4 H . 3.39 35.54 9.81
O2 SO4 H . 1.05 35.36 9.39
O3 SO4 H . 2.59 34.17 8.01
O4 SO4 H . 2.24 33.50 10.27
S SO4 I . -16.14 5.17 15.13
O1 SO4 I . -14.88 5.45 14.44
O2 SO4 I . -17.13 6.19 14.78
O3 SO4 I . -15.89 5.18 16.57
O4 SO4 I . -16.64 3.86 14.73
S SO4 J . -6.70 29.11 3.47
O1 SO4 J . -5.91 29.85 4.45
O2 SO4 J . -7.21 30.02 2.44
O3 SO4 J . -5.85 28.10 2.84
O4 SO4 J . -7.82 28.47 4.15
S SO4 K . -13.39 29.20 3.10
O1 SO4 K . -13.02 30.06 4.22
O2 SO4 K . -12.63 29.59 1.91
O3 SO4 K . -14.82 29.32 2.82
O4 SO4 K . -13.10 27.81 3.44
C2 BGC L . 14.05 29.63 -12.33
C3 BGC L . 13.21 29.41 -13.52
C4 BGC L . 11.89 28.82 -13.13
C5 BGC L . 11.15 29.69 -12.08
C6 BGC L . 9.86 29.03 -11.70
C1 BGC L . 13.33 30.48 -11.27
O1 BGC L . 14.12 30.58 -10.18
O2 BGC L . 15.28 30.31 -12.68
O3 BGC L . 13.92 28.51 -14.42
O4 BGC L . 11.06 28.71 -14.29
O5 BGC L . 12.01 29.89 -10.90
O6 BGC L . 9.30 29.63 -10.55
H2 BGC L . 14.29 28.76 -11.96
H3 BGC L . 13.05 30.24 -14.00
H4 BGC L . 12.03 27.93 -12.76
H5 BGC L . 10.94 30.55 -12.47
H61 BGC L . 9.23 29.12 -12.44
H62 BGC L . 10.02 28.09 -11.52
H1 BGC L . 13.18 31.37 -11.63
HO1 BGC L . 13.84 31.21 -9.69
HO2 BGC L . 15.11 31.13 -12.84
HO3 BGC L . 14.17 28.94 -15.10
HO4 BGC L . 11.05 27.90 -14.55
HO6 BGC L . 8.52 29.31 -10.42
C2 BGC M . -1.66 31.54 11.23
C3 BGC M . -2.75 30.91 10.44
C4 BGC M . -2.89 29.44 10.72
C5 BGC M . -3.07 29.19 12.21
C6 BGC M . -3.15 27.73 12.49
C1 BGC M . -1.80 31.27 12.73
O1 BGC M . -0.74 31.75 13.41
O2 BGC M . -1.64 32.96 11.02
O3 BGC M . -2.45 31.09 9.03
O4 BGC M . -4.02 28.89 10.04
O5 BGC M . -1.93 29.79 12.95
O6 BGC M . -3.75 27.56 13.75
H2 BGC M . -0.82 31.17 10.91
H3 BGC M . -3.59 31.35 10.67
H4 BGC M . -2.11 28.99 10.36
H5 BGC M . -3.89 29.59 12.52
H61 BGC M . -2.27 27.34 12.50
H62 BGC M . -3.70 27.30 11.81
H1 BGC M . -2.57 31.74 13.07
HO1 BGC M . -0.99 32.04 14.17
HO2 BGC M . -2.24 33.32 11.49
HO3 BGC M . -2.85 31.78 8.73
HO4 BGC M . -3.78 28.56 9.28
HO6 BGC M . -3.41 26.90 14.14
S SO4 N . -22.76 -27.57 -15.40
O1 SO4 N . -21.89 -26.41 -15.25
O2 SO4 N . -24.08 -27.27 -14.86
O3 SO4 N . -22.17 -28.70 -14.68
O4 SO4 N . -22.89 -27.93 -16.81
S SO4 O . 21.50 -28.66 -2.03
O1 SO4 O . 20.19 -28.92 -1.46
O2 SO4 O . 21.88 -27.27 -1.82
O3 SO4 O . 21.50 -28.93 -3.46
O4 SO4 O . 22.44 -29.54 -1.35
S SO4 P . -22.33 -30.07 -8.69
O1 SO4 P . -21.02 -30.29 -8.09
O2 SO4 P . -22.76 -28.70 -8.40
O3 SO4 P . -22.25 -30.28 -10.13
O4 SO4 P . -23.29 -31.01 -8.13
S SO4 Q . -9.55 -14.56 -13.33
O1 SO4 Q . -10.72 -14.06 -12.60
O2 SO4 Q . -9.21 -13.61 -14.39
O3 SO4 Q . -9.83 -15.86 -13.94
O4 SO4 Q . -8.42 -14.67 -12.40
S SO4 R . -1.80 -15.79 -11.37
O1 SO4 R . -0.38 -15.68 -11.72
O2 SO4 R . -2.50 -14.62 -11.87
O3 SO4 R . -2.33 -16.96 -12.04
O4 SO4 R . -1.99 -15.90 -9.92
S SO4 S . -20.83 -14.05 17.27
O1 SO4 S . -19.42 -13.71 17.42
O2 SO4 S . -21.59 -12.81 17.06
O3 SO4 S . -21.02 -14.94 16.14
O4 SO4 S . -21.28 -14.72 18.49
S SO4 T . -27.31 -9.76 12.75
O1 SO4 T . -26.42 -8.61 12.69
O2 SO4 T . -28.54 -9.40 13.46
O3 SO4 T . -27.62 -10.19 11.40
O4 SO4 T . -26.66 -10.84 13.48
S SO4 U . -20.83 3.17 9.98
O1 SO4 U . -20.89 3.42 11.42
O2 SO4 U . -21.03 4.43 9.26
O3 SO4 U . -19.52 2.61 9.65
O4 SO4 U . -21.86 2.21 9.59
S SO4 V . -14.65 -32.58 -5.45
O1 SO4 V . -13.45 -32.70 -4.63
O2 SO4 V . -14.63 -31.31 -6.17
O3 SO4 V . -14.71 -33.69 -6.40
O4 SO4 V . -15.84 -32.60 -4.59
S SO4 W . -23.44 1.78 0.17
O1 SO4 W . -22.46 2.60 0.90
O2 SO4 W . -24.75 2.40 0.27
O3 SO4 W . -23.03 1.68 -1.23
O4 SO4 W . -23.49 0.43 0.75
C2 BGC X . 10.53 -34.21 1.48
C3 BGC X . 9.49 -33.52 2.30
C4 BGC X . 9.77 -33.66 3.76
C5 BGC X . 11.20 -33.22 4.13
C6 BGC X . 11.46 -33.61 5.58
C1 BGC X . 11.93 -33.67 1.81
O1 BGC X . 12.86 -34.34 1.08
O2 BGC X . 10.26 -33.99 0.09
O3 BGC X . 8.18 -34.09 2.01
O4 BGC X . 8.85 -32.85 4.50
O5 BGC X . 12.24 -33.82 3.28
O6 BGC X . 12.70 -33.10 5.98
H2 BGC X . 10.49 -35.16 1.66
H3 BGC X . 9.47 -32.59 2.05
H4 BGC X . 9.67 -34.59 4.01
H5 BGC X . 11.26 -32.26 4.05
H61 BGC X . 11.46 -34.58 5.65
H62 BGC X . 10.75 -33.24 6.14
H1 BGC X . 11.97 -32.74 1.56
HO1 BGC X . 13.56 -34.44 1.54
HO2 BGC X . 9.53 -34.37 -0.13
HO3 BGC X . 7.68 -33.48 1.66
HO4 BGC X . 8.13 -33.28 4.63
HO6 BGC X . 13.09 -32.73 5.31
C2 BGC Y . -17.26 -27.95 -4.19
C3 BGC Y . -17.33 -27.18 -2.90
C4 BGC Y . -17.31 -25.69 -3.09
C5 BGC Y . -18.29 -25.20 -4.16
C6 BGC Y . -18.12 -23.73 -4.45
C1 BGC Y . -18.30 -27.46 -5.20
O1 BGC Y . -18.20 -28.08 -6.41
O2 BGC Y . -17.49 -29.34 -3.91
O3 BGC Y . -16.18 -27.54 -2.09
O4 BGC Y . -17.70 -25.04 -1.86
O5 BGC Y . -18.12 -25.99 -5.39
O6 BGC Y . -19.30 -23.29 -5.10
H2 BGC Y . -16.38 -27.84 -4.56
H3 BGC Y . -18.17 -27.42 -2.47
H4 BGC Y . -16.40 -25.45 -3.33
H5 BGC Y . -19.20 -25.29 -3.83
H61 BGC Y . -18.00 -23.25 -3.62
H62 BGC Y . -17.35 -23.60 -5.02
H1 BGC Y . -19.18 -27.70 -4.88
HO1 BGC Y . -18.96 -28.06 -6.79
HO2 BGC Y . -16.87 -29.80 -4.27
HO3 BGC Y . -16.45 -27.85 -1.34
HO4 BGC Y . -17.00 -24.77 -1.46
HO6 BGC Y . -19.09 -22.70 -5.67
#